data_1UWJ
#
_entry.id   1UWJ
#
_cell.length_a   97.660
_cell.length_b   97.660
_cell.length_c   168.070
_cell.angle_alpha   90.00
_cell.angle_beta   90.00
_cell.angle_gamma   90.00
#
_symmetry.space_group_name_H-M   'P 41 21 2'
#
loop_
_entity.id
_entity.type
_entity.pdbx_description
1 polymer 'B-RAF PROTO-ONCOGENE SERINE/THREONINE-PROTEIN KINASE'
2 non-polymer 4-{4-[({[4-CHLORO-3-(TRIFLUOROMETHYL)PHENYL]AMINO}CARBONYL)AMINO]PHENOXY}-N-METHYLPYRIDINE-2-CARBOXAMIDE
3 water water
#
_entity_poly.entity_id   1
_entity_poly.type   'polypeptide(L)'
_entity_poly.pdbx_seq_one_letter_code
;DDWEIPDGQITVGQRIGSGSFGTVYKGKWHGDVAVKMLNVTAPTPQQLQAFKNEVGVLRKTRHVNILLFMGYSTKPQLAI
VTQWCEGSSLYHHLHIIETKFEMIKLIDIARQTAQGMDYLHAKSIIHRDLKSNNIFLHEDLTVKIGDFGLATEKSRWSGS
HQFEQLSGSILWMAPEVIRMQDKNPYSFQSDVYAFGIVLYELMTGQLPYSNINNRDQIIFMVGRGYLSPDLSKVRSNCPK
AMKRLMAECLKKKRDERPLFPQILASIELLARSLPK
;
_entity_poly.pdbx_strand_id   A,B
#
# COMPACT_ATOMS: atom_id res chain seq x y z
N ASP A 1 18.13 -1.13 6.56
CA ASP A 1 17.80 0.09 7.36
C ASP A 1 17.16 -0.37 8.68
N ASP A 2 16.55 0.58 9.41
CA ASP A 2 15.90 0.28 10.68
C ASP A 2 14.58 1.05 10.77
N TRP A 3 13.54 0.37 11.22
CA TRP A 3 12.22 1.00 11.31
C TRP A 3 11.74 1.27 12.72
N GLU A 4 12.65 1.59 13.62
CA GLU A 4 12.21 1.89 14.96
C GLU A 4 11.80 3.35 14.93
N ILE A 5 10.65 3.64 15.50
CA ILE A 5 10.15 4.99 15.54
C ILE A 5 10.36 5.59 16.93
N PRO A 6 11.27 6.57 17.05
CA PRO A 6 11.60 7.25 18.30
C PRO A 6 10.33 7.62 19.02
N ASP A 7 10.26 7.43 20.33
CA ASP A 7 9.02 7.77 21.01
C ASP A 7 8.70 9.26 20.93
N GLY A 8 7.44 9.59 21.21
CA GLY A 8 7.03 10.97 21.14
C GLY A 8 6.75 11.40 19.72
N GLN A 9 6.51 10.44 18.83
CA GLN A 9 6.23 10.76 17.43
C GLN A 9 4.83 10.32 17.00
N ILE A 10 4.53 9.05 17.22
CA ILE A 10 3.23 8.48 16.87
C ILE A 10 2.17 8.96 17.84
N THR A 11 1.43 9.98 17.42
CA THR A 11 0.38 10.56 18.25
C THR A 11 -0.76 9.59 18.52
N VAL A 12 -0.60 8.75 19.55
CA VAL A 12 -1.61 7.75 19.90
C VAL A 12 -3.01 8.35 20.00
N GLY A 13 -3.82 8.02 19.00
CA GLY A 13 -5.19 8.51 18.93
C GLY A 13 -6.13 7.71 19.80
N GLN A 14 -7.40 7.62 19.38
CA GLN A 14 -8.41 6.90 20.15
C GLN A 14 -8.28 5.38 20.09
N ARG A 15 -9.20 4.68 20.73
CA ARG A 15 -9.19 3.22 20.76
C ARG A 15 -9.99 2.55 19.66
N ILE A 16 -9.53 1.39 19.23
CA ILE A 16 -10.17 0.62 18.17
C ILE A 16 -10.64 -0.74 18.65
N GLY A 17 -9.85 -1.38 19.49
CA GLY A 17 -10.19 -2.68 20.02
C GLY A 17 -9.16 -3.11 21.02
N SER A 18 -9.46 -4.13 21.80
CA SER A 18 -8.53 -4.60 22.80
C SER A 18 -8.94 -5.95 23.38
N GLY A 19 -7.97 -6.82 23.61
CA GLY A 19 -8.26 -8.14 24.15
C GLY A 19 -7.08 -8.77 24.85
N SER A 20 -7.19 -10.08 25.06
CA SER A 20 -6.16 -10.87 25.73
C SER A 20 -4.72 -10.40 25.56
N PHE A 21 -4.23 -10.32 24.32
CA PHE A 21 -2.83 -9.92 24.07
C PHE A 21 -2.60 -8.70 23.17
N GLY A 22 -3.32 -7.61 23.41
CA GLY A 22 -3.12 -6.43 22.60
C GLY A 22 -4.24 -5.39 22.61
N THR A 23 -3.92 -4.21 22.09
CA THR A 23 -4.87 -3.10 21.99
C THR A 23 -4.51 -2.33 20.75
N VAL A 24 -5.49 -2.06 19.90
CA VAL A 24 -5.23 -1.32 18.68
C VAL A 24 -5.71 0.11 18.85
N TYR A 25 -4.84 1.06 18.57
CA TYR A 25 -5.19 2.46 18.72
C TYR A 25 -5.03 3.22 17.42
N LYS A 26 -6.14 3.66 16.82
CA LYS A 26 -6.01 4.44 15.58
C LYS A 26 -5.20 5.69 15.95
N GLY A 27 -3.97 5.74 15.49
CA GLY A 27 -3.13 6.88 15.82
C GLY A 27 -2.80 7.87 14.71
N LYS A 28 -1.61 8.45 14.82
CA LYS A 28 -1.12 9.44 13.87
C LYS A 28 0.40 9.39 13.76
N TRP A 29 0.91 9.35 12.53
CA TRP A 29 2.34 9.34 12.25
C TRP A 29 2.49 9.57 10.75
N HIS A 30 2.68 10.82 10.36
CA HIS A 30 2.83 11.14 8.95
C HIS A 30 1.56 10.80 8.19
N GLY A 31 0.53 10.41 8.94
CA GLY A 31 -0.75 10.05 8.34
C GLY A 31 -1.50 9.07 9.23
N ASP A 32 -2.77 8.82 8.92
CA ASP A 32 -3.51 7.86 9.73
C ASP A 32 -2.73 6.56 9.78
N VAL A 33 -2.62 5.96 10.96
CA VAL A 33 -1.91 4.69 11.11
C VAL A 33 -2.52 3.90 12.25
N ALA A 34 -2.42 2.58 12.20
CA ALA A 34 -2.94 1.76 13.27
C ALA A 34 -1.76 1.39 14.10
N VAL A 35 -1.90 1.53 15.40
CA VAL A 35 -0.83 1.19 16.30
C VAL A 35 -1.30 0.10 17.24
N LYS A 36 -0.59 -1.01 17.23
CA LYS A 36 -0.93 -2.15 18.06
C LYS A 36 -0.02 -2.12 19.27
N MET A 37 -0.62 -1.86 20.42
CA MET A 37 0.13 -1.78 21.68
C MET A 37 0.04 -3.16 22.28
N LEU A 38 1.18 -3.69 22.70
CA LEU A 38 1.21 -5.02 23.31
C LEU A 38 1.15 -4.96 24.83
N ASN A 39 2.26 -4.59 25.46
CA ASN A 39 2.30 -4.55 26.91
C ASN A 39 1.58 -3.38 27.61
N VAL A 40 1.72 -3.37 28.93
CA VAL A 40 1.15 -2.36 29.82
C VAL A 40 2.07 -2.28 31.03
N THR A 41 1.54 -2.65 32.20
CA THR A 41 2.28 -2.64 33.46
C THR A 41 3.79 -2.64 33.26
N ALA A 42 4.25 -3.54 32.38
CA ALA A 42 5.65 -3.68 32.05
C ALA A 42 5.75 -4.80 31.00
N PRO A 43 6.87 -4.84 30.26
CA PRO A 43 7.04 -5.88 29.24
C PRO A 43 7.52 -7.20 29.83
N THR A 44 6.87 -8.30 29.46
CA THR A 44 7.18 -9.67 29.91
C THR A 44 8.19 -10.40 29.03
N PRO A 45 8.90 -11.39 29.60
CA PRO A 45 9.89 -12.14 28.83
C PRO A 45 9.26 -12.94 27.69
N GLN A 46 8.22 -13.70 28.03
CA GLN A 46 7.54 -14.52 27.02
C GLN A 46 6.95 -13.54 25.99
N GLN A 47 6.37 -12.44 26.48
CA GLN A 47 5.76 -11.40 25.65
C GLN A 47 6.74 -10.83 24.65
N LEU A 48 7.85 -10.31 25.16
CA LEU A 48 8.89 -9.71 24.33
C LEU A 48 9.28 -10.60 23.14
N GLN A 49 9.44 -11.90 23.37
CA GLN A 49 9.80 -12.83 22.30
C GLN A 49 8.73 -12.80 21.20
N ALA A 50 7.47 -12.60 21.58
CA ALA A 50 6.36 -12.55 20.62
C ALA A 50 6.52 -11.39 19.65
N PHE A 51 6.66 -10.18 20.20
CA PHE A 51 6.85 -8.92 19.46
C PHE A 51 7.95 -9.03 18.41
N LYS A 52 9.09 -9.60 18.81
CA LYS A 52 10.22 -9.75 17.92
C LYS A 52 9.86 -10.61 16.71
N ASN A 53 8.68 -11.23 16.74
CA ASN A 53 8.24 -12.08 15.65
C ASN A 53 7.20 -11.41 14.76
N GLU A 54 6.11 -10.94 15.36
CA GLU A 54 5.05 -10.29 14.60
C GLU A 54 5.64 -9.14 13.79
N VAL A 55 6.89 -8.81 14.08
CA VAL A 55 7.60 -7.73 13.42
C VAL A 55 8.56 -8.29 12.40
N GLY A 56 9.46 -9.16 12.86
CA GLY A 56 10.45 -9.75 11.97
C GLY A 56 9.79 -10.43 10.80
N VAL A 57 8.57 -10.89 11.02
CA VAL A 57 7.79 -11.56 10.01
C VAL A 57 6.99 -10.58 9.18
N LEU A 58 6.69 -9.42 9.75
CA LEU A 58 5.92 -8.39 9.04
C LEU A 58 6.77 -7.64 8.05
N ARG A 59 7.94 -7.20 8.52
CA ARG A 59 8.90 -6.46 7.72
C ARG A 59 9.46 -7.29 6.58
N LYS A 60 9.19 -8.59 6.59
CA LYS A 60 9.67 -9.49 5.57
C LYS A 60 8.70 -9.52 4.38
N THR A 61 7.48 -9.02 4.62
CA THR A 61 6.45 -8.96 3.59
C THR A 61 6.42 -7.55 3.01
N ARG A 62 6.03 -7.45 1.75
CA ARG A 62 5.97 -6.17 1.08
C ARG A 62 5.19 -6.38 -0.21
N HIS A 63 3.86 -6.39 -0.06
CA HIS A 63 2.95 -6.62 -1.17
C HIS A 63 1.62 -5.92 -0.95
N VAL A 64 0.99 -5.51 -2.05
CA VAL A 64 -0.26 -4.77 -2.04
C VAL A 64 -1.47 -5.44 -1.45
N ASN A 65 -1.39 -6.72 -1.15
CA ASN A 65 -2.54 -7.40 -0.59
C ASN A 65 -2.27 -7.78 0.85
N ILE A 66 -1.16 -7.31 1.39
CA ILE A 66 -0.85 -7.59 2.77
C ILE A 66 -0.69 -6.28 3.53
N LEU A 67 -1.32 -6.20 4.70
CA LEU A 67 -1.30 -5.02 5.56
C LEU A 67 0.09 -4.43 5.70
N LEU A 68 0.26 -3.21 5.21
CA LEU A 68 1.55 -2.55 5.25
C LEU A 68 2.08 -2.33 6.65
N PHE A 69 3.37 -2.56 6.83
CA PHE A 69 4.04 -2.39 8.12
C PHE A 69 4.79 -1.08 8.03
N MET A 70 4.42 -0.10 8.85
CA MET A 70 5.07 1.20 8.83
C MET A 70 6.36 1.21 9.66
N GLY A 71 6.29 0.59 10.83
CA GLY A 71 7.44 0.53 11.72
C GLY A 71 7.04 0.01 13.10
N TYR A 72 8.00 -0.11 14.01
CA TYR A 72 7.71 -0.60 15.35
C TYR A 72 8.12 0.43 16.39
N SER A 73 7.98 0.11 17.67
CA SER A 73 8.36 1.05 18.73
C SER A 73 8.61 0.43 20.12
N THR A 74 9.87 0.38 20.52
CA THR A 74 10.24 -0.20 21.82
C THR A 74 9.81 0.72 22.94
N LYS A 75 9.92 2.02 22.65
CA LYS A 75 9.57 3.11 23.57
C LYS A 75 8.19 2.80 24.17
N PRO A 76 7.68 3.65 25.10
CA PRO A 76 6.36 3.48 25.76
C PRO A 76 5.51 2.31 25.25
N GLN A 77 5.83 1.12 25.76
CA GLN A 77 5.14 -0.08 25.33
C GLN A 77 5.63 -0.49 23.94
N LEU A 78 5.73 -1.79 23.72
CA LEU A 78 6.13 -2.31 22.44
C LEU A 78 5.00 -1.90 21.50
N ALA A 79 5.33 -1.43 20.31
CA ALA A 79 4.26 -1.02 19.42
C ALA A 79 4.58 -1.24 17.97
N ILE A 80 3.57 -1.74 17.25
CA ILE A 80 3.70 -2.02 15.84
C ILE A 80 2.76 -1.10 15.14
N VAL A 81 3.31 -0.24 14.29
CA VAL A 81 2.52 0.71 13.53
C VAL A 81 2.34 0.21 12.11
N THR A 82 1.10 0.08 11.70
CA THR A 82 0.81 -0.36 10.35
C THR A 82 -0.19 0.64 9.77
N GLN A 83 -0.16 0.83 8.46
CA GLN A 83 -1.07 1.75 7.81
C GLN A 83 -2.46 1.53 8.33
N TRP A 84 -3.21 2.60 8.46
CA TRP A 84 -4.56 2.47 8.92
C TRP A 84 -5.31 2.16 7.65
N CYS A 85 -6.39 1.40 7.77
CA CYS A 85 -7.21 1.02 6.64
C CYS A 85 -8.61 1.45 6.98
N GLU A 86 -9.25 2.17 6.07
CA GLU A 86 -10.61 2.57 6.35
C GLU A 86 -11.48 1.48 5.73
N GLY A 87 -12.67 1.25 6.29
CA GLY A 87 -13.54 0.22 5.78
C GLY A 87 -13.73 -0.86 6.82
N SER A 88 -14.08 -2.07 6.39
CA SER A 88 -14.28 -3.17 7.35
C SER A 88 -13.84 -4.54 6.85
N SER A 89 -13.67 -5.47 7.79
CA SER A 89 -13.22 -6.83 7.51
C SER A 89 -14.24 -7.63 6.74
N LEU A 90 -13.75 -8.54 5.92
CA LEU A 90 -14.64 -9.39 5.12
C LEU A 90 -15.75 -9.99 5.98
N TYR A 91 -15.36 -10.60 7.08
CA TYR A 91 -16.32 -11.23 7.99
C TYR A 91 -17.42 -10.27 8.35
N HIS A 92 -17.06 -9.02 8.54
CA HIS A 92 -18.05 -8.03 8.91
C HIS A 92 -19.00 -7.87 7.75
N HIS A 93 -18.45 -7.63 6.57
CA HIS A 93 -19.25 -7.45 5.38
C HIS A 93 -20.22 -8.58 5.11
N LEU A 94 -19.71 -9.79 5.02
CA LEU A 94 -20.57 -10.93 4.74
C LEU A 94 -21.57 -11.30 5.84
N HIS A 95 -21.14 -11.44 7.08
CA HIS A 95 -22.07 -11.86 8.13
C HIS A 95 -22.65 -10.87 9.14
N ILE A 96 -22.28 -9.60 9.04
CA ILE A 96 -22.81 -8.63 10.00
C ILE A 96 -23.77 -7.63 9.38
N ILE A 97 -23.30 -6.90 8.37
CA ILE A 97 -24.15 -5.92 7.69
C ILE A 97 -24.72 -6.54 6.39
N GLU A 98 -24.34 -7.79 6.14
CA GLU A 98 -24.79 -8.58 4.99
C GLU A 98 -24.86 -7.86 3.65
N THR A 99 -23.76 -7.26 3.22
CA THR A 99 -23.78 -6.57 1.95
C THR A 99 -23.93 -7.58 0.82
N LYS A 100 -24.62 -7.20 -0.24
CA LYS A 100 -24.80 -8.13 -1.36
C LYS A 100 -23.84 -7.85 -2.52
N PHE A 101 -22.72 -8.56 -2.51
CA PHE A 101 -21.69 -8.41 -3.54
C PHE A 101 -22.07 -8.94 -4.90
N GLU A 102 -21.86 -8.13 -5.94
CA GLU A 102 -22.14 -8.62 -7.27
C GLU A 102 -21.21 -9.83 -7.34
N MET A 103 -21.53 -10.79 -8.21
CA MET A 103 -20.71 -12.00 -8.30
C MET A 103 -19.27 -11.74 -8.70
N ILE A 104 -19.08 -11.03 -9.80
CA ILE A 104 -17.75 -10.73 -10.28
C ILE A 104 -16.86 -10.30 -9.14
N LYS A 105 -17.37 -9.39 -8.32
CA LYS A 105 -16.62 -8.85 -7.19
C LYS A 105 -16.14 -9.98 -6.28
N LEU A 106 -17.06 -10.86 -5.91
CA LEU A 106 -16.72 -11.99 -5.05
C LEU A 106 -15.56 -12.80 -5.62
N ILE A 107 -15.64 -13.12 -6.91
CA ILE A 107 -14.57 -13.89 -7.52
C ILE A 107 -13.26 -13.14 -7.43
N ASP A 108 -13.30 -11.82 -7.46
CA ASP A 108 -12.07 -11.07 -7.36
C ASP A 108 -11.58 -10.91 -5.91
N ILE A 109 -12.49 -10.79 -4.96
CA ILE A 109 -12.06 -10.68 -3.57
C ILE A 109 -11.23 -11.91 -3.28
N ALA A 110 -11.65 -13.03 -3.85
CA ALA A 110 -10.96 -14.30 -3.67
C ALA A 110 -9.64 -14.19 -4.42
N ARG A 111 -9.73 -13.75 -5.67
CA ARG A 111 -8.56 -13.62 -6.52
C ARG A 111 -7.44 -12.97 -5.72
N GLN A 112 -7.75 -11.84 -5.10
CA GLN A 112 -6.75 -11.10 -4.32
C GLN A 112 -6.33 -11.85 -3.07
N THR A 113 -7.30 -12.40 -2.34
CA THR A 113 -6.97 -13.15 -1.14
C THR A 113 -5.97 -14.23 -1.55
N ALA A 114 -6.07 -14.65 -2.80
CA ALA A 114 -5.19 -15.68 -3.33
C ALA A 114 -3.80 -15.12 -3.58
N GLN A 115 -3.72 -13.98 -4.24
CA GLN A 115 -2.43 -13.37 -4.53
C GLN A 115 -1.69 -13.08 -3.24
N GLY A 116 -2.40 -12.50 -2.28
CA GLY A 116 -1.80 -12.19 -1.00
C GLY A 116 -1.19 -13.45 -0.39
N MET A 117 -2.03 -14.46 -0.19
CA MET A 117 -1.57 -15.71 0.37
C MET A 117 -0.45 -16.34 -0.47
N ASP A 118 -0.54 -16.23 -1.79
CA ASP A 118 0.50 -16.80 -2.63
C ASP A 118 1.83 -16.09 -2.37
N TYR A 119 1.78 -14.82 -2.00
CA TYR A 119 2.99 -14.05 -1.72
C TYR A 119 3.57 -14.40 -0.36
N LEU A 120 2.67 -14.53 0.62
CA LEU A 120 3.10 -14.85 1.97
C LEU A 120 3.86 -16.17 2.04
N HIS A 121 3.44 -17.15 1.26
CA HIS A 121 4.13 -18.44 1.27
C HIS A 121 5.44 -18.39 0.55
N ALA A 122 5.50 -17.58 -0.50
CA ALA A 122 6.75 -17.44 -1.26
C ALA A 122 7.82 -16.99 -0.29
N LYS A 123 7.51 -15.99 0.53
CA LYS A 123 8.46 -15.49 1.51
C LYS A 123 8.61 -16.47 2.67
N SER A 124 8.00 -17.65 2.50
CA SER A 124 8.05 -18.70 3.51
C SER A 124 7.49 -18.22 4.83
N ILE A 125 6.26 -17.74 4.77
CA ILE A 125 5.55 -17.22 5.93
C ILE A 125 4.18 -17.87 6.01
N ILE A 126 4.02 -18.79 6.96
CA ILE A 126 2.76 -19.47 7.14
C ILE A 126 1.89 -18.57 8.03
N HIS A 127 0.66 -18.30 7.60
CA HIS A 127 -0.20 -17.42 8.37
C HIS A 127 -0.72 -18.02 9.67
N ARG A 128 -1.06 -19.29 9.66
CA ARG A 128 -1.56 -19.93 10.85
C ARG A 128 -2.91 -19.43 11.33
N ASP A 129 -3.50 -18.45 10.66
CA ASP A 129 -4.81 -17.97 11.12
C ASP A 129 -5.67 -17.19 10.12
N LEU A 130 -5.56 -17.52 8.85
CA LEU A 130 -6.38 -16.82 7.88
C LEU A 130 -7.84 -17.10 8.18
N LYS A 131 -8.69 -16.12 7.89
CA LYS A 131 -10.14 -16.24 8.08
C LYS A 131 -10.79 -14.96 7.62
N SER A 132 -12.06 -15.03 7.23
CA SER A 132 -12.75 -13.84 6.76
C SER A 132 -12.56 -12.63 7.67
N ASN A 133 -12.18 -12.89 8.93
CA ASN A 133 -11.96 -11.83 9.90
C ASN A 133 -10.61 -11.16 9.74
N ASN A 134 -9.72 -11.77 8.98
CA ASN A 134 -8.39 -11.20 8.76
C ASN A 134 -8.27 -10.70 7.34
N ILE A 135 -9.34 -10.82 6.58
CA ILE A 135 -9.37 -10.33 5.22
C ILE A 135 -10.03 -8.96 5.28
N PHE A 136 -9.24 -7.90 5.18
CA PHE A 136 -9.82 -6.57 5.25
C PHE A 136 -10.00 -5.96 3.86
N LEU A 137 -11.22 -5.55 3.55
CA LEU A 137 -11.50 -4.93 2.25
C LEU A 137 -11.27 -3.43 2.37
N HIS A 138 -10.06 -3.01 2.02
CA HIS A 138 -9.66 -1.61 2.11
C HIS A 138 -10.41 -0.66 1.20
N GLU A 139 -11.02 0.36 1.76
CA GLU A 139 -11.74 1.33 0.96
C GLU A 139 -12.82 0.67 0.11
N ASP A 140 -13.31 -0.49 0.57
CA ASP A 140 -14.33 -1.24 -0.15
C ASP A 140 -13.85 -1.77 -1.50
N LEU A 141 -12.54 -2.06 -1.61
CA LEU A 141 -11.90 -2.57 -2.83
C LEU A 141 -10.41 -2.71 -2.51
N THR A 142 -9.86 -3.90 -2.69
CA THR A 142 -8.46 -4.19 -2.38
C THR A 142 -8.42 -4.95 -1.07
N VAL A 143 -8.06 -6.22 -1.15
CA VAL A 143 -8.00 -7.03 0.03
C VAL A 143 -6.69 -6.85 0.74
N LYS A 144 -6.78 -6.56 2.02
CA LYS A 144 -5.60 -6.38 2.84
C LYS A 144 -5.60 -7.50 3.86
N ILE A 145 -4.54 -8.30 3.84
CA ILE A 145 -4.43 -9.42 4.76
C ILE A 145 -3.53 -9.14 5.95
N GLY A 146 -3.97 -9.57 7.12
CA GLY A 146 -3.18 -9.37 8.30
C GLY A 146 -3.77 -10.25 9.37
N ASP A 147 -3.19 -10.24 10.57
CA ASP A 147 -3.74 -11.03 11.67
C ASP A 147 -4.41 -10.04 12.63
N PHE A 148 -5.58 -9.56 12.24
CA PHE A 148 -6.32 -8.59 13.02
C PHE A 148 -6.88 -9.15 14.33
N GLY A 149 -6.27 -10.20 14.86
CA GLY A 149 -6.76 -10.76 16.11
C GLY A 149 -6.04 -10.22 17.33
N LEU A 150 -6.57 -10.51 18.53
CA LEU A 150 -5.95 -10.01 19.75
C LEU A 150 -6.10 -10.92 20.96
N ALA A 151 -6.70 -12.09 20.75
CA ALA A 151 -6.90 -13.06 21.84
C ALA A 151 -6.10 -14.34 21.59
N THR A 152 -4.94 -14.18 20.96
CA THR A 152 -4.05 -15.31 20.65
C THR A 152 -2.62 -14.82 20.64
N GLU A 153 -1.79 -15.34 21.54
CA GLU A 153 -0.38 -14.95 21.60
C GLU A 153 0.18 -15.15 20.18
N LYS A 154 0.34 -14.04 19.46
CA LYS A 154 0.80 -14.06 18.08
C LYS A 154 2.15 -14.71 17.80
N SER A 155 2.54 -14.56 16.54
CA SER A 155 3.77 -15.08 15.94
C SER A 155 4.88 -15.43 16.94
N GLY A 168 -9.95 -20.50 19.58
CA GLY A 168 -10.48 -19.14 19.45
C GLY A 168 -11.20 -18.91 18.14
N SER A 169 -11.13 -19.88 17.22
CA SER A 169 -11.79 -19.82 15.91
C SER A 169 -11.48 -21.12 15.18
N ILE A 170 -12.41 -22.06 15.27
CA ILE A 170 -12.23 -23.37 14.68
C ILE A 170 -12.78 -23.53 13.27
N LEU A 171 -13.79 -22.76 12.90
CA LEU A 171 -14.39 -22.90 11.57
C LEU A 171 -13.42 -23.00 10.39
N TRP A 172 -12.32 -22.23 10.43
CA TRP A 172 -11.34 -22.24 9.36
C TRP A 172 -10.20 -23.21 9.65
N MET A 173 -10.31 -23.95 10.74
CA MET A 173 -9.26 -24.88 11.09
C MET A 173 -9.37 -26.22 10.40
N ALA A 174 -8.29 -26.57 9.70
CA ALA A 174 -8.21 -27.82 8.96
C ALA A 174 -8.14 -29.01 9.91
N PRO A 175 -8.76 -30.13 9.52
CA PRO A 175 -8.80 -31.36 10.31
C PRO A 175 -7.51 -31.73 11.04
N GLU A 176 -6.41 -31.84 10.31
CA GLU A 176 -5.15 -32.22 10.93
C GLU A 176 -4.77 -31.34 12.10
N VAL A 177 -5.08 -30.04 11.99
CA VAL A 177 -4.77 -29.09 13.04
C VAL A 177 -5.64 -29.31 14.28
N ILE A 178 -6.90 -29.64 14.08
CA ILE A 178 -7.78 -29.90 15.22
C ILE A 178 -7.24 -31.11 16.01
N ARG A 179 -6.79 -32.12 15.28
CA ARG A 179 -6.26 -33.34 15.90
C ARG A 179 -4.91 -33.14 16.57
N MET A 180 -4.02 -32.43 15.88
CA MET A 180 -2.66 -32.14 16.35
C MET A 180 -1.67 -33.29 16.15
N GLN A 181 -0.78 -33.15 15.17
CA GLN A 181 0.23 -34.17 14.93
C GLN A 181 1.59 -33.76 15.49
N ASP A 182 2.40 -34.79 15.78
CA ASP A 182 3.77 -34.66 16.34
C ASP A 182 3.97 -33.39 17.18
N LYS A 183 4.36 -32.32 16.50
CA LYS A 183 4.58 -31.05 17.17
C LYS A 183 3.99 -29.89 16.33
N ASN A 184 4.16 -29.99 15.00
CA ASN A 184 3.75 -28.91 14.10
C ASN A 184 2.83 -29.28 12.95
N PRO A 185 1.51 -29.11 13.16
CA PRO A 185 0.38 -29.37 12.26
C PRO A 185 0.27 -28.40 11.10
N TYR A 186 0.68 -27.17 11.35
CA TYR A 186 0.61 -26.09 10.37
C TYR A 186 1.52 -26.28 9.15
N SER A 187 1.01 -25.83 8.00
CA SER A 187 1.72 -25.96 6.72
C SER A 187 0.98 -25.20 5.63
N PHE A 188 1.62 -25.02 4.48
CA PHE A 188 1.01 -24.31 3.36
C PHE A 188 -0.36 -24.89 3.09
N GLN A 189 -0.45 -26.22 3.07
CA GLN A 189 -1.71 -26.88 2.82
C GLN A 189 -2.71 -26.40 3.87
N SER A 190 -2.29 -26.48 5.13
CA SER A 190 -3.13 -26.06 6.26
C SER A 190 -3.80 -24.73 5.97
N ASP A 191 -3.03 -23.77 5.47
CA ASP A 191 -3.58 -22.45 5.15
C ASP A 191 -4.61 -22.51 4.05
N VAL A 192 -4.38 -23.33 3.03
CA VAL A 192 -5.34 -23.43 1.94
C VAL A 192 -6.73 -23.84 2.45
N TYR A 193 -6.79 -24.85 3.30
CA TYR A 193 -8.06 -25.31 3.82
C TYR A 193 -8.83 -24.12 4.34
N ALA A 194 -8.13 -23.22 5.01
CA ALA A 194 -8.76 -22.02 5.53
C ALA A 194 -9.30 -21.26 4.36
N PHE A 195 -8.42 -20.92 3.41
CA PHE A 195 -8.83 -20.21 2.21
C PHE A 195 -10.04 -20.90 1.64
N GLY A 196 -10.10 -22.21 1.82
CA GLY A 196 -11.22 -22.97 1.32
C GLY A 196 -12.50 -22.56 2.03
N ILE A 197 -12.40 -22.30 3.31
CA ILE A 197 -13.57 -21.90 4.05
C ILE A 197 -13.91 -20.46 3.73
N VAL A 198 -12.91 -19.63 3.54
CA VAL A 198 -13.14 -18.23 3.20
C VAL A 198 -13.86 -18.19 1.87
N LEU A 199 -13.47 -19.10 0.98
CA LEU A 199 -14.11 -19.20 -0.32
C LEU A 199 -15.55 -19.64 -0.10
N TYR A 200 -15.72 -20.74 0.63
CA TYR A 200 -17.05 -21.23 0.92
C TYR A 200 -17.91 -20.12 1.52
N GLU A 201 -17.29 -19.21 2.26
CA GLU A 201 -18.02 -18.09 2.85
C GLU A 201 -18.51 -17.19 1.73
N LEU A 202 -17.57 -16.72 0.93
CA LEU A 202 -17.85 -15.84 -0.19
C LEU A 202 -19.01 -16.31 -1.06
N MET A 203 -19.02 -17.59 -1.43
CA MET A 203 -20.06 -18.13 -2.30
C MET A 203 -21.42 -18.49 -1.67
N THR A 204 -21.48 -18.68 -0.36
CA THR A 204 -22.74 -19.01 0.30
C THR A 204 -23.13 -17.88 1.22
N GLY A 205 -22.16 -17.02 1.51
CA GLY A 205 -22.38 -15.89 2.38
C GLY A 205 -22.78 -16.32 3.78
N GLN A 206 -22.32 -17.49 4.19
CA GLN A 206 -22.66 -17.99 5.52
C GLN A 206 -21.46 -18.68 6.13
N LEU A 207 -21.54 -18.97 7.42
CA LEU A 207 -20.47 -19.66 8.10
C LEU A 207 -20.76 -21.15 7.99
N PRO A 208 -19.75 -21.98 8.27
CA PRO A 208 -19.99 -23.41 8.21
C PRO A 208 -20.67 -23.90 9.49
N TYR A 209 -21.09 -25.17 9.46
CA TYR A 209 -21.72 -25.82 10.60
C TYR A 209 -22.76 -24.96 11.30
N SER A 210 -23.30 -23.98 10.59
CA SER A 210 -24.31 -23.08 11.14
C SER A 210 -25.48 -23.72 11.91
N ASN A 211 -25.89 -24.93 11.54
CA ASN A 211 -27.02 -25.57 12.20
C ASN A 211 -26.65 -26.27 13.50
N ILE A 212 -25.39 -26.65 13.62
CA ILE A 212 -24.93 -27.30 14.82
C ILE A 212 -24.62 -26.24 15.86
N ASN A 213 -25.40 -26.17 16.94
CA ASN A 213 -25.13 -25.18 17.97
C ASN A 213 -24.40 -25.81 19.13
N ASN A 214 -23.13 -26.10 18.90
CA ASN A 214 -22.30 -26.69 19.92
C ASN A 214 -20.84 -26.75 19.47
N ARG A 215 -20.04 -25.84 20.00
CA ARG A 215 -18.62 -25.72 19.68
C ARG A 215 -17.81 -26.99 19.85
N ASP A 216 -17.93 -27.67 20.98
CA ASP A 216 -17.15 -28.90 21.20
C ASP A 216 -17.33 -29.94 20.11
N GLN A 217 -18.58 -30.15 19.69
CA GLN A 217 -18.89 -31.13 18.64
C GLN A 217 -18.24 -30.82 17.30
N ILE A 218 -18.57 -29.66 16.75
CA ILE A 218 -17.99 -29.25 15.48
C ILE A 218 -16.52 -29.55 15.53
N ILE A 219 -15.89 -29.22 16.64
CA ILE A 219 -14.46 -29.47 16.80
C ILE A 219 -14.11 -30.93 16.59
N PHE A 220 -14.91 -31.77 17.20
CA PHE A 220 -14.71 -33.22 17.13
C PHE A 220 -14.99 -33.86 15.78
N MET A 221 -16.14 -33.57 15.22
CA MET A 221 -16.53 -34.12 13.94
C MET A 221 -15.59 -33.68 12.82
N VAL A 222 -15.29 -32.38 12.76
CA VAL A 222 -14.40 -31.88 11.73
C VAL A 222 -13.06 -32.58 11.86
N GLY A 223 -12.72 -32.94 13.09
CA GLY A 223 -11.46 -33.61 13.34
C GLY A 223 -11.44 -35.04 12.82
N ARG A 224 -12.51 -35.78 13.08
CA ARG A 224 -12.60 -37.18 12.65
C ARG A 224 -13.06 -37.37 11.20
N GLY A 225 -13.40 -36.29 10.52
CA GLY A 225 -13.83 -36.39 9.14
C GLY A 225 -15.31 -36.64 8.97
N TYR A 226 -16.03 -36.59 10.09
CA TYR A 226 -17.47 -36.80 10.06
C TYR A 226 -18.19 -35.58 9.56
N LEU A 227 -17.59 -34.41 9.73
CA LEU A 227 -18.24 -33.19 9.28
C LEU A 227 -17.48 -32.45 8.18
N SER A 228 -18.24 -31.75 7.34
CA SER A 228 -17.67 -31.00 6.22
C SER A 228 -18.68 -29.97 5.73
N PRO A 229 -18.20 -28.80 5.25
CA PRO A 229 -19.07 -27.74 4.76
C PRO A 229 -20.04 -28.26 3.72
N ASP A 230 -21.32 -27.89 3.83
CA ASP A 230 -22.33 -28.37 2.87
C ASP A 230 -22.28 -27.59 1.58
N LEU A 231 -21.36 -27.96 0.71
CA LEU A 231 -21.15 -27.29 -0.57
C LEU A 231 -22.39 -27.06 -1.43
N SER A 232 -23.53 -27.59 -1.00
CA SER A 232 -24.76 -27.41 -1.76
C SER A 232 -25.44 -26.10 -1.36
N LYS A 233 -24.64 -25.12 -0.98
CA LYS A 233 -25.21 -23.86 -0.59
C LYS A 233 -24.64 -22.75 -1.46
N VAL A 234 -23.59 -23.07 -2.21
CA VAL A 234 -23.00 -22.08 -3.08
C VAL A 234 -24.13 -21.45 -3.91
N ARG A 235 -24.08 -20.13 -4.06
CA ARG A 235 -25.11 -19.41 -4.80
C ARG A 235 -25.43 -20.02 -6.15
N SER A 236 -26.67 -19.80 -6.56
CA SER A 236 -27.22 -20.28 -7.83
C SER A 236 -26.29 -20.13 -9.01
N ASN A 237 -25.61 -18.98 -9.04
CA ASN A 237 -24.71 -18.63 -10.14
C ASN A 237 -23.22 -18.86 -9.88
N CYS A 238 -22.89 -19.39 -8.71
CA CYS A 238 -21.49 -19.65 -8.42
C CYS A 238 -20.92 -20.50 -9.52
N PRO A 239 -19.86 -20.03 -10.16
CA PRO A 239 -19.21 -20.78 -11.25
C PRO A 239 -18.92 -22.24 -10.90
N LYS A 240 -19.33 -23.15 -11.78
CA LYS A 240 -19.11 -24.57 -11.52
C LYS A 240 -17.60 -24.80 -11.37
N ALA A 241 -16.83 -23.94 -12.01
CA ALA A 241 -15.37 -23.99 -11.98
C ALA A 241 -14.86 -23.64 -10.58
N MET A 242 -15.65 -22.86 -9.84
CA MET A 242 -15.28 -22.44 -8.49
C MET A 242 -15.60 -23.55 -7.50
N LYS A 243 -16.88 -23.83 -7.32
CA LYS A 243 -17.35 -24.86 -6.40
C LYS A 243 -16.43 -26.04 -6.46
N ARG A 244 -15.89 -26.29 -7.65
CA ARG A 244 -14.96 -27.38 -7.88
C ARG A 244 -13.72 -27.16 -7.04
N LEU A 245 -13.08 -26.02 -7.27
CA LEU A 245 -11.89 -25.64 -6.54
C LEU A 245 -12.11 -25.58 -5.04
N MET A 246 -13.25 -25.04 -4.65
CA MET A 246 -13.63 -24.92 -3.25
C MET A 246 -13.40 -26.29 -2.63
N ALA A 247 -14.13 -27.28 -3.15
CA ALA A 247 -14.02 -28.65 -2.67
C ALA A 247 -12.59 -29.18 -2.81
N GLU A 248 -11.87 -28.73 -3.83
CA GLU A 248 -10.50 -29.18 -4.03
C GLU A 248 -9.64 -28.86 -2.81
N CYS A 249 -9.95 -27.74 -2.16
CA CYS A 249 -9.22 -27.27 -0.99
C CYS A 249 -9.68 -27.89 0.29
N LEU A 250 -10.98 -27.88 0.53
CA LEU A 250 -11.54 -28.45 1.74
C LEU A 250 -11.23 -29.95 1.91
N LYS A 251 -10.48 -30.51 0.97
CA LYS A 251 -10.10 -31.92 1.02
C LYS A 251 -9.57 -32.22 2.43
N LYS A 252 -10.16 -33.22 3.09
CA LYS A 252 -9.74 -33.60 4.44
C LYS A 252 -8.31 -34.16 4.51
N LYS A 253 -7.82 -34.72 3.41
CA LYS A 253 -6.47 -35.27 3.38
C LYS A 253 -5.55 -34.11 3.06
N ARG A 254 -4.47 -33.97 3.80
CA ARG A 254 -3.54 -32.85 3.60
C ARG A 254 -2.93 -32.73 2.20
N ASP A 255 -2.15 -33.74 1.84
CA ASP A 255 -1.43 -33.82 0.58
C ASP A 255 -2.30 -33.89 -0.68
N GLU A 256 -3.61 -33.74 -0.49
CA GLU A 256 -4.54 -33.80 -1.61
C GLU A 256 -5.03 -32.40 -1.97
N ARG A 257 -4.60 -31.43 -1.19
CA ARG A 257 -4.98 -30.04 -1.43
C ARG A 257 -3.89 -29.42 -2.29
N PRO A 258 -4.24 -28.42 -3.10
CA PRO A 258 -3.27 -27.75 -3.96
C PRO A 258 -2.53 -26.58 -3.31
N LEU A 259 -1.31 -26.31 -3.76
CA LEU A 259 -0.55 -25.18 -3.25
C LEU A 259 -1.27 -23.96 -3.84
N PHE A 260 -0.82 -22.76 -3.49
CA PHE A 260 -1.45 -21.55 -4.01
C PHE A 260 -1.08 -21.12 -5.43
N PRO A 261 0.13 -21.44 -5.90
CA PRO A 261 0.45 -21.01 -7.26
C PRO A 261 -0.62 -21.54 -8.20
N GLN A 262 -1.10 -22.75 -7.91
CA GLN A 262 -2.12 -23.39 -8.73
C GLN A 262 -3.50 -22.81 -8.46
N ILE A 263 -3.75 -22.48 -7.20
CA ILE A 263 -5.03 -21.91 -6.82
C ILE A 263 -5.25 -20.59 -7.55
N LEU A 264 -4.28 -19.68 -7.40
CA LEU A 264 -4.37 -18.38 -8.01
C LEU A 264 -4.68 -18.50 -9.51
N ALA A 265 -3.88 -19.29 -10.21
CA ALA A 265 -4.07 -19.46 -11.64
C ALA A 265 -5.49 -19.90 -12.00
N SER A 266 -6.05 -20.79 -11.20
CA SER A 266 -7.40 -21.30 -11.43
C SER A 266 -8.39 -20.15 -11.39
N ILE A 267 -8.51 -19.52 -10.24
CA ILE A 267 -9.42 -18.39 -10.08
C ILE A 267 -9.26 -17.40 -11.25
N GLU A 268 -8.04 -16.89 -11.41
CA GLU A 268 -7.76 -15.93 -12.47
C GLU A 268 -8.31 -16.37 -13.82
N LEU A 269 -7.98 -17.60 -14.24
CA LEU A 269 -8.48 -18.11 -15.51
C LEU A 269 -10.00 -18.00 -15.54
N LEU A 270 -10.66 -18.77 -14.66
CA LEU A 270 -12.11 -18.76 -14.59
C LEU A 270 -12.64 -17.44 -14.05
N ALA A 271 -12.09 -16.35 -14.58
CA ALA A 271 -12.48 -15.00 -14.18
C ALA A 271 -12.64 -14.15 -15.44
N ARG A 272 -11.61 -14.18 -16.28
CA ARG A 272 -11.62 -13.44 -17.53
C ARG A 272 -12.81 -13.86 -18.41
N SER A 273 -13.36 -15.05 -18.16
CA SER A 273 -14.46 -15.58 -18.97
C SER A 273 -15.89 -15.42 -18.39
N LEU A 274 -16.42 -14.21 -18.46
CA LEU A 274 -17.78 -13.96 -17.94
C LEU A 274 -18.35 -12.52 -18.16
N PRO A 275 -17.49 -11.54 -18.51
CA PRO A 275 -18.00 -10.16 -18.73
C PRO A 275 -18.82 -9.92 -20.02
N LYS A 276 -18.22 -10.16 -21.20
CA LYS A 276 -18.89 -9.94 -22.51
C LYS A 276 -20.12 -10.84 -22.73
N ASP B 1 16.86 -12.34 4.61
CA ASP B 1 15.69 -11.42 4.53
C ASP B 1 15.97 -10.23 3.56
N ASP B 2 16.44 -10.57 2.35
CA ASP B 2 16.76 -9.57 1.33
C ASP B 2 15.60 -9.45 0.32
N TRP B 3 15.76 -8.53 -0.63
CA TRP B 3 14.71 -8.30 -1.63
C TRP B 3 15.15 -8.49 -3.08
N GLU B 4 15.94 -9.52 -3.37
CA GLU B 4 16.34 -9.78 -4.74
C GLU B 4 15.42 -10.86 -5.26
N ILE B 5 14.88 -10.66 -6.45
CA ILE B 5 13.99 -11.63 -7.04
C ILE B 5 14.73 -12.46 -8.08
N PRO B 6 14.93 -13.75 -7.80
CA PRO B 6 15.63 -14.69 -8.70
C PRO B 6 15.09 -14.55 -10.10
N ASP B 7 15.94 -14.57 -11.11
CA ASP B 7 15.40 -14.39 -12.45
C ASP B 7 14.45 -15.53 -12.85
N GLY B 8 13.69 -15.30 -13.91
CA GLY B 8 12.76 -16.30 -14.39
C GLY B 8 11.50 -16.30 -13.54
N GLN B 9 11.24 -15.22 -12.81
CA GLN B 9 10.05 -15.12 -11.97
C GLN B 9 9.09 -14.03 -12.41
N ILE B 10 9.62 -12.82 -12.53
CA ILE B 10 8.83 -11.67 -12.94
C ILE B 10 8.52 -11.75 -14.44
N THR B 11 7.31 -12.22 -14.76
CA THR B 11 6.89 -12.39 -16.13
C THR B 11 6.77 -11.05 -16.87
N VAL B 12 7.89 -10.54 -17.40
CA VAL B 12 7.89 -9.26 -18.10
C VAL B 12 6.78 -9.16 -19.13
N GLY B 13 5.79 -8.31 -18.81
CA GLY B 13 4.65 -8.11 -19.70
C GLY B 13 4.95 -7.11 -20.79
N GLN B 14 3.91 -6.39 -21.25
CA GLN B 14 4.07 -5.42 -22.33
C GLN B 14 4.79 -4.16 -21.89
N ARG B 15 4.93 -3.20 -22.81
CA ARG B 15 5.62 -1.93 -22.55
C ARG B 15 4.71 -0.80 -22.09
N ILE B 16 5.27 0.06 -21.25
CA ILE B 16 4.56 1.20 -20.68
C ILE B 16 5.18 2.53 -21.08
N GLY B 17 6.50 2.58 -21.11
CA GLY B 17 7.16 3.80 -21.48
C GLY B 17 8.64 3.55 -21.53
N SER B 18 9.38 4.46 -22.14
CA SER B 18 10.83 4.26 -22.26
C SER B 18 11.52 5.52 -22.73
N GLY B 19 12.68 5.81 -22.13
CA GLY B 19 13.43 7.00 -22.49
C GLY B 19 14.90 6.90 -22.20
N SER B 20 15.55 8.06 -22.18
CA SER B 20 16.99 8.19 -21.94
C SER B 20 17.61 7.13 -21.00
N PHE B 21 17.13 7.04 -19.75
CA PHE B 21 17.68 6.08 -18.78
C PHE B 21 16.72 5.05 -18.18
N GLY B 22 15.92 4.39 -19.02
CA GLY B 22 15.00 3.39 -18.50
C GLY B 22 13.81 2.99 -19.37
N THR B 23 13.18 1.90 -18.99
CA THR B 23 12.00 1.38 -19.68
C THR B 23 11.11 0.74 -18.62
N VAL B 24 9.84 1.10 -18.63
CA VAL B 24 8.91 0.52 -17.68
C VAL B 24 8.06 -0.51 -18.39
N TYR B 25 8.02 -1.70 -17.82
CA TYR B 25 7.27 -2.80 -18.39
C TYR B 25 6.20 -3.32 -17.42
N LYS B 26 4.93 -3.09 -17.72
CA LYS B 26 3.89 -3.63 -16.85
C LYS B 26 4.10 -5.14 -16.86
N GLY B 27 4.57 -5.69 -15.74
CA GLY B 27 4.82 -7.11 -15.68
C GLY B 27 3.89 -7.98 -14.83
N LYS B 28 4.46 -9.07 -14.31
CA LYS B 28 3.74 -10.04 -13.48
C LYS B 28 4.67 -10.67 -12.47
N TRP B 29 4.26 -10.67 -11.20
CA TRP B 29 5.00 -11.26 -10.10
C TRP B 29 4.06 -11.31 -8.91
N HIS B 30 3.38 -12.43 -8.71
CA HIS B 30 2.46 -12.56 -7.60
C HIS B 30 1.30 -11.56 -7.73
N GLY B 31 1.31 -10.83 -8.83
CA GLY B 31 0.27 -9.85 -9.10
C GLY B 31 0.77 -8.80 -10.07
N ASP B 32 -0.12 -7.94 -10.58
CA ASP B 32 0.32 -6.89 -11.48
C ASP B 32 1.43 -6.11 -10.79
N VAL B 33 2.51 -5.83 -11.53
CA VAL B 33 3.63 -5.07 -10.98
C VAL B 33 4.30 -4.28 -12.09
N ALA B 34 4.93 -3.18 -11.72
CA ALA B 34 5.63 -2.38 -12.69
C ALA B 34 7.10 -2.73 -12.54
N VAL B 35 7.75 -2.99 -13.66
CA VAL B 35 9.14 -3.34 -13.64
C VAL B 35 9.91 -2.32 -14.45
N LYS B 36 10.85 -1.66 -13.81
CA LYS B 36 11.66 -0.64 -14.45
C LYS B 36 12.97 -1.29 -14.82
N MET B 37 13.19 -1.43 -16.13
CA MET B 37 14.40 -2.03 -16.63
C MET B 37 15.36 -0.89 -16.91
N LEU B 38 16.58 -1.01 -16.42
CA LEU B 38 17.58 0.04 -16.63
C LEU B 38 18.45 -0.22 -17.86
N ASN B 39 19.39 -1.14 -17.73
CA ASN B 39 20.30 -1.44 -18.84
C ASN B 39 19.74 -2.23 -20.03
N VAL B 40 20.65 -2.53 -20.95
CA VAL B 40 20.36 -3.27 -22.17
C VAL B 40 21.68 -3.96 -22.55
N THR B 41 22.23 -3.59 -23.71
CA THR B 41 23.48 -4.13 -24.24
C THR B 41 24.33 -4.78 -23.16
N ALA B 42 24.47 -4.06 -22.04
CA ALA B 42 25.23 -4.53 -20.89
C ALA B 42 25.16 -3.46 -19.83
N PRO B 43 25.44 -3.83 -18.56
CA PRO B 43 25.39 -2.84 -17.48
C PRO B 43 26.69 -2.00 -17.40
N THR B 44 26.50 -0.67 -17.32
CA THR B 44 27.60 0.31 -17.21
C THR B 44 28.03 0.63 -15.78
N PRO B 45 29.30 1.05 -15.60
CA PRO B 45 29.78 1.38 -14.26
C PRO B 45 29.03 2.54 -13.62
N GLN B 46 28.94 3.65 -14.36
CA GLN B 46 28.23 4.81 -13.85
C GLN B 46 26.77 4.40 -13.61
N GLN B 47 26.22 3.64 -14.56
CA GLN B 47 24.84 3.15 -14.48
C GLN B 47 24.60 2.36 -13.21
N LEU B 48 25.40 1.30 -13.02
CA LEU B 48 25.28 0.43 -11.86
C LEU B 48 25.19 1.20 -10.53
N GLN B 49 26.00 2.25 -10.39
CA GLN B 49 25.99 3.06 -9.17
C GLN B 49 24.60 3.69 -8.99
N ALA B 50 23.95 4.03 -10.10
CA ALA B 50 22.62 4.64 -10.05
C ALA B 50 21.59 3.71 -9.41
N PHE B 51 21.49 2.50 -9.97
CA PHE B 51 20.59 1.43 -9.52
C PHE B 51 20.69 1.18 -8.02
N LYS B 52 21.92 1.09 -7.53
CA LYS B 52 22.18 0.84 -6.12
C LYS B 52 21.60 1.96 -5.24
N ASN B 53 21.13 3.03 -5.86
CA ASN B 53 20.55 4.14 -5.11
C ASN B 53 19.03 4.19 -5.19
N GLU B 54 18.49 4.19 -6.42
CA GLU B 54 17.03 4.21 -6.63
C GLU B 54 16.39 3.07 -5.86
N VAL B 55 17.23 2.18 -5.36
CA VAL B 55 16.79 1.01 -4.62
C VAL B 55 17.03 1.21 -3.14
N GLY B 56 18.29 1.46 -2.78
CA GLY B 56 18.63 1.66 -1.37
C GLY B 56 17.79 2.74 -0.74
N VAL B 57 17.34 3.66 -1.60
CA VAL B 57 16.51 4.77 -1.18
C VAL B 57 15.04 4.43 -1.21
N LEU B 58 14.67 3.46 -2.04
CA LEU B 58 13.28 3.03 -2.15
C LEU B 58 12.89 2.14 -1.00
N ARG B 59 13.73 1.15 -0.74
CA ARG B 59 13.53 0.18 0.34
C ARG B 59 13.55 0.82 1.70
N LYS B 60 13.97 2.09 1.76
CA LYS B 60 14.06 2.81 3.01
C LYS B 60 12.72 3.46 3.33
N THR B 61 11.85 3.54 2.33
CA THR B 61 10.53 4.13 2.47
C THR B 61 9.51 3.02 2.64
N ARG B 62 8.43 3.30 3.34
CA ARG B 62 7.39 2.31 3.59
C ARG B 62 6.19 3.07 4.14
N HIS B 63 5.44 3.67 3.22
CA HIS B 63 4.28 4.47 3.57
C HIS B 63 3.22 4.43 2.46
N VAL B 64 1.97 4.54 2.85
CA VAL B 64 0.84 4.47 1.93
C VAL B 64 0.73 5.53 0.86
N ASN B 65 1.54 6.57 0.92
CA ASN B 65 1.45 7.61 -0.09
C ASN B 65 2.69 7.59 -0.96
N ILE B 66 3.52 6.58 -0.79
CA ILE B 66 4.72 6.45 -1.60
C ILE B 66 4.70 5.11 -2.34
N LEU B 67 4.98 5.16 -3.64
CA LEU B 67 4.99 3.99 -4.51
C LEU B 67 5.70 2.83 -3.86
N LEU B 68 4.96 1.75 -3.63
CA LEU B 68 5.51 0.56 -2.99
C LEU B 68 6.61 -0.10 -3.78
N PHE B 69 7.66 -0.51 -3.08
CA PHE B 69 8.81 -1.18 -3.70
C PHE B 69 8.65 -2.67 -3.43
N MET B 70 8.49 -3.47 -4.47
CA MET B 70 8.30 -4.91 -4.29
C MET B 70 9.63 -5.65 -4.14
N GLY B 71 10.60 -5.27 -4.97
CA GLY B 71 11.92 -5.88 -4.94
C GLY B 71 12.75 -5.45 -6.14
N TYR B 72 13.99 -5.93 -6.22
CA TYR B 72 14.84 -5.58 -7.34
C TYR B 72 15.28 -6.83 -8.08
N SER B 73 16.13 -6.68 -9.10
CA SER B 73 16.60 -7.84 -9.87
C SER B 73 17.90 -7.61 -10.64
N THR B 74 18.98 -8.24 -10.19
CA THR B 74 20.30 -8.11 -10.86
C THR B 74 20.30 -8.89 -12.17
N LYS B 75 19.60 -10.02 -12.14
CA LYS B 75 19.46 -10.95 -13.26
C LYS B 75 19.07 -10.13 -14.50
N PRO B 76 18.93 -10.78 -15.67
CA PRO B 76 18.57 -10.13 -16.95
C PRO B 76 18.24 -8.65 -16.86
N GLN B 77 19.30 -7.83 -16.83
CA GLN B 77 19.13 -6.39 -16.71
C GLN B 77 18.76 -6.05 -15.27
N LEU B 78 19.29 -4.94 -14.79
CA LEU B 78 18.98 -4.49 -13.44
C LEU B 78 17.49 -4.17 -13.50
N ALA B 79 16.75 -4.52 -12.46
CA ALA B 79 15.33 -4.24 -12.53
C ALA B 79 14.74 -3.98 -11.18
N ILE B 80 13.87 -2.97 -11.15
CA ILE B 80 13.21 -2.57 -9.93
C ILE B 80 11.74 -2.83 -10.13
N VAL B 81 11.19 -3.68 -9.28
CA VAL B 81 9.78 -4.03 -9.35
C VAL B 81 9.01 -3.29 -8.28
N THR B 82 8.00 -2.54 -8.71
CA THR B 82 7.19 -1.81 -7.77
C THR B 82 5.76 -2.12 -8.11
N GLN B 83 4.88 -2.08 -7.12
CA GLN B 83 3.48 -2.36 -7.35
C GLN B 83 3.01 -1.61 -8.56
N TRP B 84 2.12 -2.22 -9.31
CA TRP B 84 1.58 -1.57 -10.47
C TRP B 84 0.46 -0.75 -9.88
N CYS B 85 0.19 0.40 -10.50
CA CYS B 85 -0.87 1.27 -10.06
C CYS B 85 -1.76 1.50 -11.25
N GLU B 86 -3.06 1.28 -11.09
CA GLU B 86 -3.93 1.53 -12.21
C GLU B 86 -4.38 3.00 -12.09
N GLY B 87 -4.69 3.65 -13.20
CA GLY B 87 -5.10 5.04 -13.11
C GLY B 87 -4.09 5.89 -13.83
N SER B 88 -4.04 7.19 -13.52
CA SER B 88 -3.09 8.08 -14.18
C SER B 88 -2.48 9.15 -13.27
N SER B 89 -1.38 9.73 -13.72
CA SER B 89 -0.66 10.76 -12.97
C SER B 89 -1.43 12.07 -12.85
N LEU B 90 -1.22 12.78 -11.74
CA LEU B 90 -1.90 14.04 -11.51
C LEU B 90 -1.81 14.94 -12.72
N TYR B 91 -0.60 15.15 -13.22
CA TYR B 91 -0.36 15.99 -14.39
C TYR B 91 -1.28 15.61 -15.54
N HIS B 92 -1.49 14.31 -15.71
CA HIS B 92 -2.34 13.84 -16.78
C HIS B 92 -3.75 14.32 -16.49
N HIS B 93 -4.22 14.03 -15.29
CA HIS B 93 -5.57 14.43 -14.89
C HIS B 93 -5.85 15.92 -15.06
N LEU B 94 -5.02 16.77 -14.46
CA LEU B 94 -5.24 18.20 -14.55
C LEU B 94 -5.04 18.82 -15.94
N HIS B 95 -3.94 18.53 -16.61
CA HIS B 95 -3.68 19.18 -17.90
C HIS B 95 -3.90 18.41 -19.22
N ILE B 96 -4.29 17.14 -19.16
CA ILE B 96 -4.48 16.40 -20.39
C ILE B 96 -5.92 16.07 -20.69
N ILE B 97 -6.59 15.36 -19.78
CA ILE B 97 -8.00 15.01 -19.95
C ILE B 97 -8.87 15.99 -19.16
N GLU B 98 -8.23 16.96 -18.53
CA GLU B 98 -8.87 18.02 -17.77
C GLU B 98 -10.07 17.66 -16.92
N THR B 99 -9.90 16.70 -16.03
CA THR B 99 -11.01 16.30 -15.18
C THR B 99 -11.33 17.42 -14.20
N LYS B 100 -12.61 17.57 -13.87
CA LYS B 100 -13.00 18.64 -12.94
C LYS B 100 -13.24 18.14 -11.52
N PHE B 101 -12.19 18.24 -10.70
CA PHE B 101 -12.22 17.80 -9.31
C PHE B 101 -13.08 18.64 -8.41
N GLU B 102 -13.94 18.00 -7.62
CA GLU B 102 -14.73 18.77 -6.69
C GLU B 102 -13.66 19.42 -5.85
N MET B 103 -13.95 20.54 -5.20
CA MET B 103 -12.93 21.22 -4.41
C MET B 103 -12.36 20.38 -3.27
N ILE B 104 -13.23 19.87 -2.43
CA ILE B 104 -12.82 19.06 -1.30
C ILE B 104 -11.75 18.07 -1.72
N LYS B 105 -11.97 17.40 -2.84
CA LYS B 105 -11.03 16.41 -3.35
C LYS B 105 -9.65 17.02 -3.55
N LEU B 106 -9.62 18.19 -4.19
CA LEU B 106 -8.36 18.88 -4.45
C LEU B 106 -7.59 19.13 -3.16
N ILE B 107 -8.28 19.65 -2.17
CA ILE B 107 -7.63 19.91 -0.91
C ILE B 107 -7.06 18.63 -0.31
N ASP B 108 -7.72 17.50 -0.55
CA ASP B 108 -7.20 16.27 -0.01
C ASP B 108 -6.06 15.66 -0.85
N ILE B 109 -6.09 15.85 -2.17
CA ILE B 109 -5.03 15.33 -3.00
C ILE B 109 -3.77 15.98 -2.51
N ALA B 110 -3.90 17.24 -2.07
CA ALA B 110 -2.78 18.01 -1.56
C ALA B 110 -2.42 17.43 -0.20
N ARG B 111 -3.44 17.28 0.65
CA ARG B 111 -3.27 16.73 1.98
C ARG B 111 -2.34 15.52 1.93
N GLN B 112 -2.68 14.57 1.07
CA GLN B 112 -1.89 13.36 0.93
C GLN B 112 -0.51 13.63 0.35
N THR B 113 -0.44 14.45 -0.69
CA THR B 113 0.85 14.76 -1.29
C THR B 113 1.72 15.31 -0.17
N ALA B 114 1.08 15.91 0.81
CA ALA B 114 1.78 16.47 1.94
C ALA B 114 2.27 15.38 2.89
N GLN B 115 1.39 14.45 3.22
CA GLN B 115 1.77 13.38 4.13
C GLN B 115 2.92 12.61 3.52
N GLY B 116 2.80 12.28 2.23
CA GLY B 116 3.84 11.53 1.55
C GLY B 116 5.16 12.22 1.69
N MET B 117 5.21 13.46 1.23
CA MET B 117 6.42 14.26 1.31
C MET B 117 6.93 14.42 2.75
N ASP B 118 6.01 14.58 3.70
CA ASP B 118 6.40 14.72 5.09
C ASP B 118 7.11 13.45 5.57
N TYR B 119 6.73 12.29 5.03
CA TYR B 119 7.34 11.02 5.40
C TYR B 119 8.69 10.85 4.76
N LEU B 120 8.78 11.22 3.49
CA LEU B 120 10.03 11.09 2.76
C LEU B 120 11.16 11.87 3.41
N HIS B 121 10.86 13.04 3.96
CA HIS B 121 11.90 13.86 4.61
C HIS B 121 12.25 13.32 5.97
N ALA B 122 11.29 12.73 6.66
CA ALA B 122 11.54 12.16 7.98
C ALA B 122 12.63 11.12 7.80
N LYS B 123 12.47 10.27 6.80
CA LYS B 123 13.47 9.23 6.53
C LYS B 123 14.73 9.83 5.92
N SER B 124 14.78 11.17 5.87
CA SER B 124 15.92 11.90 5.33
C SER B 124 16.13 11.56 3.87
N ILE B 125 15.08 11.72 3.09
CA ILE B 125 15.12 11.42 1.67
C ILE B 125 14.58 12.62 0.91
N ILE B 126 15.46 13.33 0.23
CA ILE B 126 15.09 14.48 -0.56
C ILE B 126 14.68 13.95 -1.93
N HIS B 127 13.51 14.36 -2.42
CA HIS B 127 13.03 13.87 -3.70
C HIS B 127 13.77 14.41 -4.91
N ARG B 128 14.13 15.68 -4.87
CA ARG B 128 14.84 16.29 -5.98
C ARG B 128 14.05 16.37 -7.27
N ASP B 129 12.79 15.91 -7.29
CA ASP B 129 12.04 16.02 -8.52
C ASP B 129 10.51 15.93 -8.43
N LEU B 130 9.94 16.34 -7.31
CA LEU B 130 8.50 16.28 -7.18
C LEU B 130 7.87 17.15 -8.27
N LYS B 131 6.70 16.75 -8.75
CA LYS B 131 5.93 17.47 -9.77
C LYS B 131 4.65 16.72 -10.05
N SER B 132 3.62 17.42 -10.53
CA SER B 132 2.34 16.78 -10.78
C SER B 132 2.48 15.50 -11.61
N ASN B 133 3.62 15.37 -12.28
CA ASN B 133 3.89 14.19 -13.08
C ASN B 133 4.34 13.00 -12.26
N ASN B 134 4.74 13.25 -11.02
CA ASN B 134 5.19 12.19 -10.14
C ASN B 134 4.16 11.89 -9.07
N ILE B 135 3.06 12.61 -9.12
CA ILE B 135 1.97 12.40 -8.17
C ILE B 135 1.00 11.51 -8.89
N PHE B 136 0.95 10.23 -8.54
CA PHE B 136 0.03 9.33 -9.19
C PHE B 136 -1.22 9.11 -8.35
N LEU B 137 -2.40 9.34 -8.94
CA LEU B 137 -3.65 9.14 -8.24
C LEU B 137 -4.12 7.69 -8.46
N HIS B 138 -3.74 6.83 -7.54
CA HIS B 138 -4.06 5.41 -7.60
C HIS B 138 -5.54 5.09 -7.54
N GLU B 139 -6.04 4.36 -8.52
CA GLU B 139 -7.45 3.98 -8.53
C GLU B 139 -8.35 5.20 -8.38
N ASP B 140 -7.87 6.36 -8.84
CA ASP B 140 -8.64 7.61 -8.77
C ASP B 140 -8.95 8.03 -7.33
N LEU B 141 -8.03 7.71 -6.41
CA LEU B 141 -8.15 8.05 -4.98
C LEU B 141 -6.91 7.44 -4.29
N THR B 142 -6.13 8.27 -3.61
CA THR B 142 -4.91 7.83 -2.92
C THR B 142 -3.73 8.26 -3.78
N VAL B 143 -2.97 9.21 -3.26
CA VAL B 143 -1.84 9.70 -3.99
C VAL B 143 -0.62 8.83 -3.77
N LYS B 144 -0.03 8.41 -4.86
CA LYS B 144 1.16 7.58 -4.80
C LYS B 144 2.30 8.39 -5.37
N ILE B 145 3.32 8.63 -4.56
CA ILE B 145 4.46 9.41 -5.00
C ILE B 145 5.63 8.56 -5.41
N GLY B 146 6.26 8.95 -6.52
CA GLY B 146 7.41 8.23 -7.00
C GLY B 146 8.09 9.10 -8.03
N ASP B 147 9.21 8.64 -8.57
CA ASP B 147 9.90 9.42 -9.59
C ASP B 147 9.63 8.69 -10.91
N PHE B 148 8.42 8.87 -11.42
CA PHE B 148 7.98 8.24 -12.66
C PHE B 148 8.68 8.78 -13.92
N GLY B 149 9.87 9.34 -13.75
CA GLY B 149 10.60 9.88 -14.89
C GLY B 149 11.56 8.88 -15.52
N LEU B 150 12.10 9.20 -16.69
CA LEU B 150 13.02 8.29 -17.36
C LEU B 150 14.08 8.96 -18.22
N ALA B 151 14.09 10.29 -18.21
CA ALA B 151 15.08 11.06 -18.98
C ALA B 151 16.00 11.86 -18.04
N THR B 152 16.15 11.34 -16.82
CA THR B 152 16.99 12.00 -15.82
C THR B 152 18.16 11.10 -15.42
N GLU B 153 18.77 11.45 -14.30
CA GLU B 153 19.92 10.72 -13.76
C GLU B 153 19.68 10.48 -12.27
N LYS B 154 19.64 11.61 -11.54
CA LYS B 154 19.45 11.61 -10.09
C LYS B 154 20.35 10.57 -9.41
N GLY B 168 15.60 18.95 -18.12
CA GLY B 168 14.49 18.30 -17.43
C GLY B 168 13.22 19.15 -17.41
N SER B 169 12.62 19.30 -16.22
CA SER B 169 11.41 20.11 -16.04
C SER B 169 11.67 21.25 -15.06
N ILE B 170 11.37 22.47 -15.49
CA ILE B 170 11.61 23.69 -14.73
C ILE B 170 10.48 24.36 -13.93
N LEU B 171 9.22 24.23 -14.36
CA LEU B 171 8.10 24.86 -13.66
C LEU B 171 8.08 24.67 -12.13
N TRP B 172 8.45 23.48 -11.67
CA TRP B 172 8.46 23.18 -10.23
C TRP B 172 9.82 23.44 -9.62
N MET B 173 10.75 23.97 -10.41
CA MET B 173 12.08 24.23 -9.90
C MET B 173 12.22 25.53 -9.16
N ALA B 174 12.65 25.42 -7.92
CA ALA B 174 12.84 26.57 -7.04
C ALA B 174 13.99 27.43 -7.52
N PRO B 175 13.87 28.75 -7.35
CA PRO B 175 14.90 29.71 -7.77
C PRO B 175 16.36 29.31 -7.52
N GLU B 176 16.69 28.97 -6.28
CA GLU B 176 18.06 28.63 -5.96
C GLU B 176 18.61 27.52 -6.83
N VAL B 177 17.73 26.57 -7.16
CA VAL B 177 18.12 25.44 -8.00
C VAL B 177 18.41 25.86 -9.43
N ILE B 178 17.61 26.79 -9.95
CA ILE B 178 17.84 27.25 -11.31
C ILE B 178 19.21 27.91 -11.37
N ARG B 179 19.55 28.68 -10.33
CA ARG B 179 20.82 29.40 -10.24
C ARG B 179 22.05 28.50 -10.00
N MET B 180 21.91 27.54 -9.08
CA MET B 180 23.00 26.60 -8.82
C MET B 180 24.22 27.21 -8.11
N GLN B 181 23.95 27.99 -7.06
CA GLN B 181 25.01 28.62 -6.29
C GLN B 181 25.38 27.82 -5.04
N ASP B 182 26.40 26.97 -5.22
CA ASP B 182 26.99 26.07 -4.22
C ASP B 182 27.56 24.83 -4.92
N LYS B 183 26.82 23.73 -4.78
CA LYS B 183 27.16 22.42 -5.35
C LYS B 183 25.90 21.55 -5.10
N ASN B 184 25.28 21.77 -3.93
CA ASN B 184 24.08 21.04 -3.55
C ASN B 184 22.92 22.00 -3.26
N PRO B 185 22.28 22.48 -4.34
CA PRO B 185 21.14 23.41 -4.27
C PRO B 185 19.93 22.76 -3.62
N TYR B 186 19.79 21.45 -3.82
CA TYR B 186 18.68 20.68 -3.30
C TYR B 186 18.61 20.58 -1.78
N SER B 187 17.38 20.61 -1.25
CA SER B 187 17.14 20.55 0.19
C SER B 187 15.66 20.40 0.47
N PHE B 188 15.31 20.09 1.72
CA PHE B 188 13.91 19.94 2.10
C PHE B 188 13.10 21.14 1.62
N GLN B 189 13.65 22.33 1.86
CA GLN B 189 12.98 23.54 1.43
C GLN B 189 12.74 23.45 -0.07
N SER B 190 13.80 23.13 -0.80
CA SER B 190 13.75 23.00 -2.25
C SER B 190 12.52 22.22 -2.68
N ASP B 191 12.26 21.11 -2.01
CA ASP B 191 11.13 20.26 -2.34
C ASP B 191 9.80 20.97 -2.08
N VAL B 192 9.74 21.72 -0.99
CA VAL B 192 8.50 22.42 -0.66
C VAL B 192 8.08 23.36 -1.80
N TYR B 193 9.01 24.16 -2.29
CA TYR B 193 8.72 25.08 -3.38
C TYR B 193 7.97 24.34 -4.48
N ALA B 194 8.41 23.12 -4.76
CA ALA B 194 7.76 22.32 -5.78
C ALA B 194 6.33 22.10 -5.29
N PHE B 195 6.20 21.51 -4.10
CA PHE B 195 4.89 21.25 -3.55
C PHE B 195 4.07 22.50 -3.68
N GLY B 196 4.74 23.64 -3.61
CA GLY B 196 4.06 24.91 -3.72
C GLY B 196 3.46 25.08 -5.09
N ILE B 197 4.17 24.60 -6.10
CA ILE B 197 3.66 24.72 -7.44
C ILE B 197 2.58 23.68 -7.66
N VAL B 198 2.76 22.50 -7.08
CA VAL B 198 1.76 21.44 -7.24
C VAL B 198 0.46 21.96 -6.63
N LEU B 199 0.59 22.69 -5.52
CA LEU B 199 -0.56 23.27 -4.84
C LEU B 199 -1.17 24.31 -5.75
N TYR B 200 -0.34 25.22 -6.25
CA TYR B 200 -0.81 26.26 -7.15
C TYR B 200 -1.53 25.62 -8.32
N GLU B 201 -1.09 24.43 -8.72
CA GLU B 201 -1.72 23.70 -9.82
C GLU B 201 -3.13 23.34 -9.40
N LEU B 202 -3.22 22.59 -8.31
CA LEU B 202 -4.47 22.13 -7.77
C LEU B 202 -5.53 23.21 -7.67
N MET B 203 -5.15 24.38 -7.16
CA MET B 203 -6.11 25.47 -6.99
C MET B 203 -6.46 26.33 -8.20
N THR B 204 -5.63 26.33 -9.23
CA THR B 204 -5.91 27.13 -10.41
C THR B 204 -6.16 26.21 -11.59
N GLY B 205 -5.72 24.96 -11.41
CA GLY B 205 -5.87 23.96 -12.44
C GLY B 205 -5.09 24.31 -13.69
N GLN B 206 -4.00 25.05 -13.53
CA GLN B 206 -3.20 25.44 -14.68
C GLN B 206 -1.73 25.37 -14.32
N LEU B 207 -0.88 25.48 -15.33
CA LEU B 207 0.54 25.47 -15.09
C LEU B 207 0.98 26.92 -14.89
N PRO B 208 2.18 27.13 -14.38
CA PRO B 208 2.66 28.49 -14.18
C PRO B 208 3.20 29.05 -15.50
N TYR B 209 3.48 30.36 -15.48
CA TYR B 209 4.05 31.06 -16.62
C TYR B 209 3.40 30.71 -17.96
N SER B 210 2.16 30.24 -17.89
CA SER B 210 1.43 29.84 -19.08
C SER B 210 1.41 30.85 -20.26
N ASN B 211 1.47 32.15 -19.97
CA ASN B 211 1.43 33.15 -21.04
C ASN B 211 2.77 33.39 -21.71
N ILE B 212 3.85 33.08 -21.01
CA ILE B 212 5.18 33.25 -21.56
C ILE B 212 5.51 32.01 -22.41
N ASN B 213 5.60 32.17 -23.72
CA ASN B 213 5.93 31.04 -24.56
C ASN B 213 7.41 31.08 -24.92
N ASN B 214 8.24 30.72 -23.95
CA ASN B 214 9.67 30.70 -24.15
C ASN B 214 10.37 30.13 -22.93
N ARG B 215 10.81 28.88 -23.06
CA ARG B 215 11.48 28.16 -21.98
C ARG B 215 12.69 28.86 -21.38
N ASP B 216 13.61 29.32 -22.22
CA ASP B 216 14.82 29.99 -21.71
C ASP B 216 14.51 31.14 -20.76
N GLN B 217 13.55 31.98 -21.11
CA GLN B 217 13.16 33.14 -20.30
C GLN B 217 12.63 32.76 -18.92
N ILE B 218 11.57 31.98 -18.90
CA ILE B 218 11.00 31.54 -17.64
C ILE B 218 12.15 31.07 -16.76
N ILE B 219 13.08 30.32 -17.32
CA ILE B 219 14.21 29.83 -16.56
C ILE B 219 14.98 30.96 -15.91
N PHE B 220 15.23 31.99 -16.69
CA PHE B 220 15.98 33.16 -16.25
C PHE B 220 15.27 34.04 -15.24
N MET B 221 14.04 34.43 -15.53
CA MET B 221 13.28 35.26 -14.64
C MET B 221 13.01 34.60 -13.30
N VAL B 222 12.59 33.35 -13.32
CA VAL B 222 12.33 32.64 -12.06
C VAL B 222 13.61 32.59 -11.27
N GLY B 223 14.74 32.57 -11.97
CA GLY B 223 16.01 32.51 -11.29
C GLY B 223 16.38 33.80 -10.61
N ARG B 224 16.14 34.92 -11.29
CA ARG B 224 16.48 36.22 -10.76
C ARG B 224 15.40 36.84 -9.85
N GLY B 225 14.28 36.16 -9.69
CA GLY B 225 13.24 36.68 -8.83
C GLY B 225 12.29 37.62 -9.51
N TYR B 226 12.44 37.76 -10.83
CA TYR B 226 11.58 38.64 -11.60
C TYR B 226 10.24 37.98 -11.87
N LEU B 227 10.20 36.65 -11.87
CA LEU B 227 8.95 35.96 -12.13
C LEU B 227 8.45 35.11 -10.98
N SER B 228 7.13 35.01 -10.87
CA SER B 228 6.48 34.24 -9.81
C SER B 228 5.06 33.90 -10.22
N PRO B 229 4.54 32.74 -9.79
CA PRO B 229 3.17 32.29 -10.11
C PRO B 229 2.15 33.37 -9.74
N ASP B 230 1.22 33.66 -10.66
CA ASP B 230 0.21 34.69 -10.42
C ASP B 230 -0.90 34.19 -9.53
N LEU B 231 -0.63 34.17 -8.23
CA LEU B 231 -1.58 33.69 -7.22
C LEU B 231 -3.01 34.19 -7.31
N SER B 232 -3.27 35.12 -8.24
CA SER B 232 -4.60 35.66 -8.40
C SER B 232 -5.42 34.81 -9.35
N LYS B 233 -5.12 33.52 -9.37
CA LYS B 233 -5.84 32.63 -10.25
C LYS B 233 -6.50 31.54 -9.44
N VAL B 234 -6.12 31.43 -8.17
CA VAL B 234 -6.71 30.41 -7.32
C VAL B 234 -8.22 30.51 -7.45
N ARG B 235 -8.88 29.36 -7.55
CA ARG B 235 -10.33 29.34 -7.70
C ARG B 235 -11.07 30.25 -6.71
N SER B 236 -12.23 30.72 -7.16
CA SER B 236 -13.13 31.59 -6.41
C SER B 236 -13.29 31.16 -4.95
N ASN B 237 -13.40 29.85 -4.74
CA ASN B 237 -13.63 29.28 -3.42
C ASN B 237 -12.40 28.73 -2.71
N CYS B 238 -11.24 28.85 -3.35
CA CYS B 238 -10.03 28.37 -2.73
C CYS B 238 -9.90 28.98 -1.35
N PRO B 239 -9.83 28.16 -0.31
CA PRO B 239 -9.70 28.65 1.07
C PRO B 239 -8.63 29.74 1.24
N LYS B 240 -9.01 30.85 1.88
CA LYS B 240 -8.05 31.94 2.07
C LYS B 240 -6.88 31.40 2.86
N ALA B 241 -7.16 30.37 3.65
CA ALA B 241 -6.16 29.71 4.50
C ALA B 241 -5.16 28.97 3.64
N MET B 242 -5.60 28.54 2.46
CA MET B 242 -4.76 27.81 1.52
C MET B 242 -3.84 28.77 0.76
N LYS B 243 -4.44 29.62 -0.07
CA LYS B 243 -3.72 30.60 -0.87
C LYS B 243 -2.59 31.19 -0.04
N ARG B 244 -2.85 31.33 1.24
CA ARG B 244 -1.87 31.87 2.18
C ARG B 244 -0.65 30.98 2.18
N LEU B 245 -0.88 29.71 2.52
CA LEU B 245 0.16 28.69 2.58
C LEU B 245 0.88 28.52 1.26
N MET B 246 0.12 28.55 0.18
CA MET B 246 0.64 28.42 -1.16
C MET B 246 1.80 29.40 -1.26
N ALA B 247 1.48 30.69 -1.10
CA ALA B 247 2.47 31.76 -1.14
C ALA B 247 3.56 31.56 -0.09
N GLU B 248 3.21 30.99 1.06
CA GLU B 248 4.19 30.74 2.10
C GLU B 248 5.32 29.85 1.59
N CYS B 249 4.99 28.95 0.66
CA CYS B 249 5.96 28.03 0.09
C CYS B 249 6.72 28.60 -1.07
N LEU B 250 6.00 29.19 -2.02
CA LEU B 250 6.65 29.76 -3.19
C LEU B 250 7.64 30.89 -2.86
N LYS B 251 7.81 31.16 -1.57
CA LYS B 251 8.74 32.18 -1.11
C LYS B 251 10.07 32.00 -1.82
N LYS B 252 10.55 33.05 -2.49
CA LYS B 252 11.80 32.99 -3.24
C LYS B 252 13.04 32.79 -2.37
N LYS B 253 12.95 33.18 -1.10
CA LYS B 253 14.06 33.02 -0.15
C LYS B 253 13.94 31.62 0.41
N ARG B 254 15.04 30.88 0.44
CA ARG B 254 15.02 29.50 0.90
C ARG B 254 14.51 29.30 2.33
N ASP B 255 15.28 29.85 3.26
CA ASP B 255 15.02 29.75 4.69
C ASP B 255 13.74 30.41 5.18
N GLU B 256 12.92 30.88 4.25
CA GLU B 256 11.67 31.56 4.60
C GLU B 256 10.49 30.62 4.33
N ARG B 257 10.80 29.45 3.76
CA ARG B 257 9.77 28.47 3.46
C ARG B 257 9.68 27.53 4.65
N PRO B 258 8.50 26.96 4.90
CA PRO B 258 8.31 26.04 6.03
C PRO B 258 8.63 24.58 5.72
N LEU B 259 9.04 23.83 6.75
CA LEU B 259 9.32 22.41 6.58
C LEU B 259 7.93 21.78 6.39
N PHE B 260 7.88 20.48 6.15
CA PHE B 260 6.60 19.80 5.95
C PHE B 260 5.79 19.44 7.19
N PRO B 261 6.44 19.22 8.33
CA PRO B 261 5.64 18.89 9.51
C PRO B 261 4.62 20.00 9.72
N GLN B 262 5.04 21.24 9.47
CA GLN B 262 4.19 22.40 9.63
C GLN B 262 3.19 22.51 8.48
N ILE B 263 3.61 22.16 7.28
CA ILE B 263 2.74 22.22 6.12
C ILE B 263 1.55 21.29 6.30
N LEU B 264 1.86 20.03 6.57
CA LEU B 264 0.83 19.02 6.76
C LEU B 264 -0.22 19.49 7.76
N ALA B 265 0.25 19.89 8.95
CA ALA B 265 -0.66 20.33 10.00
C ALA B 265 -1.61 21.45 9.54
N SER B 266 -1.08 22.38 8.75
CA SER B 266 -1.86 23.51 8.25
C SER B 266 -3.01 22.97 7.43
N ILE B 267 -2.70 22.32 6.32
CA ILE B 267 -3.72 21.75 5.44
C ILE B 267 -4.75 20.99 6.27
N GLU B 268 -4.29 19.99 7.01
CA GLU B 268 -5.18 19.18 7.82
C GLU B 268 -6.16 20.04 8.64
N LEU B 269 -5.62 20.99 9.40
CA LEU B 269 -6.47 21.86 10.21
C LEU B 269 -7.54 22.47 9.30
N LEU B 270 -7.10 23.32 8.38
CA LEU B 270 -8.00 24.00 7.46
C LEU B 270 -8.63 23.02 6.49
N ALA B 271 -9.07 21.89 7.02
CA ALA B 271 -9.71 20.85 6.23
C ALA B 271 -10.96 20.38 6.96
N ARG B 272 -10.79 20.04 8.23
CA ARG B 272 -11.90 19.58 9.06
C ARG B 272 -13.04 20.61 9.08
N SER B 273 -12.74 21.79 8.58
CA SER B 273 -13.71 22.88 8.51
C SER B 273 -14.18 23.10 7.07
N LEU B 274 -14.64 22.03 6.41
CA LEU B 274 -15.10 22.17 5.02
C LEU B 274 -16.36 21.40 4.54
N PRO B 275 -16.33 20.05 4.52
CA PRO B 275 -17.49 19.27 4.06
C PRO B 275 -18.94 19.85 4.18
N LYS B 276 -19.22 20.68 5.18
CA LYS B 276 -20.60 21.22 5.32
C LYS B 276 -21.13 22.16 4.22
#